data_6R0G
#
_entry.id   6R0G
#
_cell.length_a   46.880
_cell.length_b   71.647
_cell.length_c   98.803
_cell.angle_alpha   90.00
_cell.angle_beta   90.00
_cell.angle_gamma   90.00
#
_symmetry.space_group_name_H-M   'P 21 21 21'
#
loop_
_entity.id
_entity.type
_entity.pdbx_description
1 polymer 'Non-structural polyprotein'
2 non-polymer ADENOSINE-5-DIPHOSPHORIBOSE
3 non-polymer 'ACETATE ION'
4 water water
#
_entity_poly.entity_id   1
_entity_poly.type   'polypeptide(L)'
_entity_poly.pdbx_seq_one_letter_code
;MKAPSYRVRRADISGHGEEAVVNAANAKGTVSDGVCRAVAKKWPSSFKGAATPVGTAKMIRADGMTVIHAVGPNFSTVTE
AEGDRELAAAYRAVASIISTNNIKSVAVPLLSTGTFSGGKDRVMQSLNHLFTALDATDADVVIYCRDKNWEKKIQEAIDR
RTHHHHHH
;
_entity_poly.pdbx_strand_id   A,B
#
# COMPACT_ATOMS: atom_id res chain seq x y z
N ALA A 3 -6.38 -29.81 -15.46
CA ALA A 3 -7.24 -28.71 -15.96
C ALA A 3 -7.53 -27.72 -14.82
N PRO A 4 -7.66 -26.41 -15.11
CA PRO A 4 -7.92 -25.42 -14.06
C PRO A 4 -9.39 -25.51 -13.63
N SER A 5 -9.70 -24.95 -12.46
CA SER A 5 -11.08 -24.83 -11.93
C SER A 5 -11.39 -23.34 -11.72
N TYR A 6 -12.64 -22.93 -11.93
CA TYR A 6 -13.08 -21.52 -11.83
C TYR A 6 -14.24 -21.41 -10.83
N ARG A 7 -14.10 -20.48 -9.87
CA ARG A 7 -15.15 -20.08 -8.92
C ARG A 7 -15.26 -18.56 -8.94
N VAL A 8 -16.39 -18.03 -8.49
CA VAL A 8 -16.54 -16.55 -8.32
C VAL A 8 -16.98 -16.29 -6.88
N ARG A 9 -16.39 -15.27 -6.26
CA ARG A 9 -16.79 -14.78 -4.93
C ARG A 9 -17.10 -13.29 -5.06
N ARG A 10 -18.22 -12.87 -4.49
CA ARG A 10 -18.52 -11.45 -4.28
C ARG A 10 -18.03 -11.09 -2.88
N ALA A 11 -16.79 -10.62 -2.79
CA ALA A 11 -16.10 -10.30 -1.52
C ALA A 11 -14.91 -9.41 -1.84
N ASP A 12 -14.41 -8.72 -0.82
CA ASP A 12 -13.12 -7.99 -0.86
C ASP A 12 -12.02 -9.02 -1.15
N ILE A 13 -11.28 -8.84 -2.24
CA ILE A 13 -10.18 -9.76 -2.67
C ILE A 13 -9.09 -9.83 -1.59
N SER A 14 -8.96 -8.83 -0.71
CA SER A 14 -7.94 -8.85 0.37
C SER A 14 -8.24 -9.99 1.37
N GLY A 15 -9.46 -10.52 1.38
CA GLY A 15 -9.86 -11.64 2.26
C GLY A 15 -9.78 -13.00 1.60
N HIS A 16 -9.12 -13.11 0.43
CA HIS A 16 -9.06 -14.38 -0.35
C HIS A 16 -8.33 -15.48 0.44
N GLY A 17 -8.67 -16.75 0.16
CA GLY A 17 -8.05 -17.93 0.78
C GLY A 17 -7.12 -18.69 -0.16
N GLU A 18 -6.62 -18.04 -1.22
CA GLU A 18 -5.79 -18.68 -2.27
C GLU A 18 -4.30 -18.45 -1.97
N GLU A 19 -3.44 -19.11 -2.74
CA GLU A 19 -1.96 -19.09 -2.57
C GLU A 19 -1.42 -17.75 -3.08
N ALA A 20 -2.09 -17.14 -4.06
CA ALA A 20 -1.62 -15.90 -4.70
C ALA A 20 -2.81 -15.00 -5.03
N VAL A 21 -2.53 -13.71 -5.20
CA VAL A 21 -3.58 -12.72 -5.58
C VAL A 21 -3.04 -11.88 -6.73
N VAL A 22 -3.91 -11.63 -7.71
CA VAL A 22 -3.63 -10.68 -8.81
C VAL A 22 -4.13 -9.29 -8.38
N ASN A 23 -3.23 -8.32 -8.36
CA ASN A 23 -3.57 -6.88 -8.22
C ASN A 23 -3.89 -6.33 -9.61
N ALA A 24 -5.01 -5.63 -9.75
CA ALA A 24 -5.33 -4.82 -10.96
C ALA A 24 -4.49 -3.55 -10.84
N ALA A 25 -3.26 -3.61 -11.32
CA ALA A 25 -2.22 -2.59 -11.04
C ALA A 25 -2.20 -1.50 -12.11
N ASN A 26 -1.46 -0.43 -11.82
CA ASN A 26 -1.08 0.59 -12.84
C ASN A 26 0.41 0.43 -13.10
N ALA A 27 0.86 0.93 -14.25
CA ALA A 27 2.25 0.72 -14.75
C ALA A 27 3.26 1.34 -13.79
N LYS A 28 2.87 2.38 -13.05
CA LYS A 28 3.79 3.12 -12.14
C LYS A 28 3.96 2.38 -10.81
N GLY A 29 3.09 1.42 -10.51
CA GLY A 29 3.12 0.68 -9.22
C GLY A 29 2.71 1.55 -8.04
N THR A 30 1.86 2.56 -8.27
CA THR A 30 1.32 3.45 -7.23
C THR A 30 0.05 2.82 -6.66
N VAL A 31 -0.30 3.18 -5.42
CA VAL A 31 -1.59 2.80 -4.78
C VAL A 31 -2.64 3.85 -5.17
N SER A 32 -3.78 3.41 -5.70
CA SER A 32 -4.93 4.28 -6.00
C SER A 32 -6.23 3.47 -5.85
N ASP A 33 -7.37 4.13 -6.06
CA ASP A 33 -8.71 3.52 -5.80
C ASP A 33 -8.84 2.22 -6.59
N GLY A 34 -9.61 1.29 -6.05
CA GLY A 34 -9.91 -0.01 -6.68
C GLY A 34 -9.28 -1.16 -5.90
N VAL A 35 -9.00 -2.26 -6.60
CA VAL A 35 -8.38 -3.49 -6.04
C VAL A 35 -7.07 -3.11 -5.34
N CYS A 36 -6.30 -2.25 -5.98
CA CYS A 36 -4.94 -1.83 -5.58
CA CYS A 36 -4.91 -1.95 -5.54
C CYS A 36 -4.93 -1.33 -4.13
N ARG A 37 -5.95 -0.55 -3.77
CA ARG A 37 -6.03 0.02 -2.39
C ARG A 37 -6.18 -1.12 -1.37
N ALA A 38 -7.06 -2.09 -1.62
CA ALA A 38 -7.27 -3.25 -0.72
C ALA A 38 -5.97 -4.07 -0.62
N VAL A 39 -5.28 -4.29 -1.74
CA VAL A 39 -4.01 -5.08 -1.78
C VAL A 39 -2.96 -4.36 -0.93
N ALA A 40 -2.84 -3.04 -1.09
CA ALA A 40 -1.83 -2.20 -0.40
C ALA A 40 -2.10 -2.20 1.11
N LYS A 41 -3.35 -2.25 1.55
CA LYS A 41 -3.69 -2.21 3.00
C LYS A 41 -3.31 -3.54 3.65
N LYS A 42 -3.57 -4.64 2.96
CA LYS A 42 -3.39 -6.02 3.49
C LYS A 42 -1.93 -6.45 3.38
N TRP A 43 -1.24 -6.11 2.27
CA TRP A 43 0.17 -6.50 2.01
C TRP A 43 0.97 -5.29 1.56
N PRO A 44 1.21 -4.32 2.47
CA PRO A 44 1.78 -3.03 2.07
C PRO A 44 3.14 -3.11 1.38
N SER A 45 3.99 -4.07 1.77
CA SER A 45 5.36 -4.19 1.21
C SER A 45 5.34 -4.88 -0.17
N SER A 46 4.18 -5.38 -0.63
CA SER A 46 4.06 -6.01 -1.97
C SER A 46 4.23 -4.99 -3.12
N PHE A 47 4.26 -3.68 -2.84
CA PHE A 47 4.32 -2.64 -3.90
C PHE A 47 5.77 -2.20 -4.17
N LYS A 48 6.73 -2.61 -3.35
CA LYS A 48 8.17 -2.31 -3.56
C LYS A 48 8.61 -2.85 -4.94
N GLY A 49 9.00 -1.96 -5.85
CA GLY A 49 9.54 -2.27 -7.20
C GLY A 49 8.52 -2.94 -8.12
N ALA A 50 7.23 -2.73 -7.89
CA ALA A 50 6.13 -3.43 -8.63
C ALA A 50 5.86 -2.78 -9.99
N ALA A 51 6.41 -1.61 -10.28
CA ALA A 51 6.20 -0.91 -11.58
C ALA A 51 6.52 -1.86 -12.73
N THR A 52 5.65 -1.94 -13.72
CA THR A 52 5.76 -2.85 -14.88
C THR A 52 4.90 -2.28 -15.99
N PRO A 53 5.29 -2.44 -17.28
CA PRO A 53 4.55 -1.82 -18.38
C PRO A 53 3.14 -2.41 -18.56
N VAL A 54 2.26 -1.62 -19.18
CA VAL A 54 0.90 -2.10 -19.58
C VAL A 54 1.05 -3.40 -20.36
N GLY A 55 0.16 -4.37 -20.12
CA GLY A 55 0.15 -5.65 -20.83
C GLY A 55 1.14 -6.65 -20.24
N THR A 56 1.74 -6.35 -19.09
CA THR A 56 2.70 -7.26 -18.40
C THR A 56 2.27 -7.46 -16.94
N ALA A 57 2.92 -8.40 -16.27
CA ALA A 57 2.67 -8.67 -14.84
C ALA A 57 3.99 -8.91 -14.13
N LYS A 58 4.04 -8.54 -12.86
CA LYS A 58 5.26 -8.63 -12.05
C LYS A 58 4.89 -9.20 -10.67
N MET A 59 5.57 -10.27 -10.28
CA MET A 59 5.24 -11.03 -9.05
C MET A 59 6.25 -10.69 -7.93
N ILE A 60 5.75 -10.70 -6.70
CA ILE A 60 6.55 -10.50 -5.46
C ILE A 60 5.97 -11.43 -4.40
N ARG A 61 6.84 -11.94 -3.53
CA ARG A 61 6.46 -12.57 -2.25
C ARG A 61 6.74 -11.55 -1.15
N ALA A 62 5.71 -11.15 -0.43
CA ALA A 62 5.79 -10.13 0.64
C ALA A 62 4.62 -10.33 1.60
N ASP A 63 4.85 -10.08 2.89
CA ASP A 63 3.77 -10.09 3.91
C ASP A 63 3.09 -11.47 3.90
N GLY A 64 3.87 -12.54 3.65
CA GLY A 64 3.39 -13.94 3.64
C GLY A 64 2.43 -14.23 2.49
N MET A 65 2.50 -13.45 1.40
CA MET A 65 1.56 -13.60 0.26
C MET A 65 2.35 -13.53 -1.04
N THR A 66 1.84 -14.17 -2.09
CA THR A 66 2.33 -14.02 -3.47
C THR A 66 1.41 -13.00 -4.16
N VAL A 67 1.94 -11.85 -4.52
CA VAL A 67 1.13 -10.78 -5.18
C VAL A 67 1.61 -10.65 -6.62
N ILE A 68 0.68 -10.76 -7.57
CA ILE A 68 0.98 -10.63 -9.02
C ILE A 68 0.38 -9.30 -9.51
N HIS A 69 1.22 -8.30 -9.74
CA HIS A 69 0.79 -6.98 -10.25
C HIS A 69 0.58 -7.07 -11.76
N ALA A 70 -0.66 -7.13 -12.22
CA ALA A 70 -1.03 -7.22 -13.64
C ALA A 70 -1.58 -5.87 -14.12
N VAL A 71 -0.99 -5.29 -15.16
CA VAL A 71 -1.41 -3.94 -15.66
C VAL A 71 -2.25 -4.11 -16.92
N GLY A 72 -3.57 -4.02 -16.75
CA GLY A 72 -4.51 -3.95 -17.87
C GLY A 72 -4.39 -2.60 -18.57
N PRO A 73 -4.84 -2.50 -19.84
CA PRO A 73 -4.86 -1.22 -20.54
C PRO A 73 -5.92 -0.30 -19.93
N ASN A 74 -5.64 1.01 -20.00
CA ASN A 74 -6.64 2.07 -19.74
C ASN A 74 -7.32 2.38 -21.08
N PHE A 75 -8.58 1.99 -21.23
CA PHE A 75 -9.30 2.06 -22.52
C PHE A 75 -9.59 3.52 -22.93
N SER A 76 -9.31 4.51 -22.07
CA SER A 76 -9.34 5.95 -22.46
C SER A 76 -8.08 6.31 -23.26
N THR A 77 -7.05 5.46 -23.25
CA THR A 77 -5.70 5.83 -23.78
C THR A 77 -5.28 4.96 -24.96
N VAL A 78 -6.12 4.02 -25.40
CA VAL A 78 -5.78 3.10 -26.52
C VAL A 78 -7.03 2.94 -27.39
N THR A 79 -6.87 2.57 -28.66
CA THR A 79 -8.03 2.16 -29.50
C THR A 79 -8.60 0.89 -28.90
N GLU A 80 -9.86 0.58 -29.22
CA GLU A 80 -10.53 -0.65 -28.74
C GLU A 80 -9.71 -1.88 -29.10
N ALA A 81 -9.23 -2.00 -30.35
CA ALA A 81 -8.46 -3.19 -30.79
C ALA A 81 -7.12 -3.25 -30.05
N GLU A 82 -6.47 -2.11 -29.83
CA GLU A 82 -5.16 -2.08 -29.10
C GLU A 82 -5.40 -2.50 -27.65
N GLY A 83 -6.43 -1.94 -27.00
CA GLY A 83 -6.81 -2.32 -25.62
C GLY A 83 -7.09 -3.81 -25.53
N ASP A 84 -7.81 -4.35 -26.51
CA ASP A 84 -8.18 -5.79 -26.49
C ASP A 84 -6.90 -6.65 -26.52
N ARG A 85 -5.93 -6.30 -27.36
CA ARG A 85 -4.63 -7.03 -27.46
C ARG A 85 -3.88 -6.94 -26.12
N GLU A 86 -3.84 -5.75 -25.53
CA GLU A 86 -3.05 -5.49 -24.29
C GLU A 86 -3.70 -6.22 -23.10
N LEU A 87 -5.03 -6.29 -23.07
CA LEU A 87 -5.78 -6.96 -21.97
C LEU A 87 -5.53 -8.48 -22.04
N ALA A 88 -5.60 -9.05 -23.24
CA ALA A 88 -5.22 -10.47 -23.50
C ALA A 88 -3.80 -10.71 -23.01
N ALA A 89 -2.86 -9.81 -23.34
CA ALA A 89 -1.43 -9.95 -22.99
C ALA A 89 -1.23 -9.93 -21.46
N ALA A 90 -1.93 -9.05 -20.74
CA ALA A 90 -1.79 -8.94 -19.28
C ALA A 90 -2.21 -10.27 -18.64
N TYR A 91 -3.32 -10.86 -19.10
CA TYR A 91 -3.82 -12.14 -18.54
C TYR A 91 -2.84 -13.27 -18.89
N ARG A 92 -2.28 -13.30 -20.10
CA ARG A 92 -1.28 -14.32 -20.47
C ARG A 92 -0.04 -14.18 -19.57
N ALA A 93 0.38 -12.95 -19.25
CA ALA A 93 1.55 -12.70 -18.37
C ALA A 93 1.24 -13.25 -16.97
N VAL A 94 -0.01 -13.09 -16.51
CA VAL A 94 -0.46 -13.67 -15.22
C VAL A 94 -0.37 -15.20 -15.30
N ALA A 95 -0.93 -15.81 -16.35
CA ALA A 95 -0.97 -17.28 -16.52
C ALA A 95 0.46 -17.84 -16.52
N SER A 96 1.38 -17.17 -17.20
CA SER A 96 2.81 -17.58 -17.26
C SER A 96 3.40 -17.60 -15.85
N ILE A 97 3.13 -16.57 -15.04
CA ILE A 97 3.68 -16.48 -13.66
C ILE A 97 3.10 -17.64 -12.84
N ILE A 98 1.81 -17.94 -13.01
N ILE A 98 1.81 -17.94 -13.01
CA ILE A 98 1.12 -19.04 -12.26
CA ILE A 98 1.12 -19.03 -12.27
C ILE A 98 1.80 -20.38 -12.58
C ILE A 98 1.79 -20.37 -12.59
N SER A 99 1.99 -20.69 -13.87
CA SER A 99 2.50 -22.01 -14.32
CA SER A 99 2.48 -22.02 -14.29
C SER A 99 3.97 -22.16 -13.95
N THR A 100 4.78 -21.13 -14.17
CA THR A 100 6.25 -21.22 -13.99
C THR A 100 6.60 -21.28 -12.50
N ASN A 101 5.74 -20.75 -11.62
CA ASN A 101 6.02 -20.70 -10.16
C ASN A 101 5.21 -21.79 -9.43
N ASN A 102 4.53 -22.68 -10.15
CA ASN A 102 3.81 -23.84 -9.54
C ASN A 102 2.78 -23.31 -8.55
N ILE A 103 2.11 -22.20 -8.88
CA ILE A 103 1.08 -21.60 -8.00
C ILE A 103 -0.21 -22.42 -8.18
N LYS A 104 -0.73 -22.93 -7.08
CA LYS A 104 -1.81 -23.95 -7.04
C LYS A 104 -3.19 -23.28 -7.12
N SER A 105 -3.32 -22.07 -6.59
CA SER A 105 -4.60 -21.32 -6.55
C SER A 105 -4.34 -19.82 -6.56
N VAL A 106 -5.25 -19.06 -7.16
CA VAL A 106 -5.06 -17.60 -7.35
C VAL A 106 -6.42 -16.90 -7.30
N ALA A 107 -6.46 -15.79 -6.57
CA ALA A 107 -7.59 -14.83 -6.52
C ALA A 107 -7.36 -13.78 -7.60
N VAL A 108 -8.32 -13.59 -8.49
CA VAL A 108 -8.17 -12.73 -9.70
C VAL A 108 -9.36 -11.77 -9.80
N PRO A 109 -9.10 -10.45 -9.88
CA PRO A 109 -10.14 -9.48 -10.22
C PRO A 109 -10.22 -9.34 -11.75
N LEU A 110 -11.25 -8.67 -12.25
CA LEU A 110 -11.40 -8.45 -13.71
C LEU A 110 -10.65 -7.17 -14.09
N LEU A 111 -9.47 -7.35 -14.69
CA LEU A 111 -8.60 -6.23 -15.14
C LEU A 111 -9.38 -5.33 -16.10
N SER A 112 -9.17 -4.03 -15.97
CA SER A 112 -9.65 -2.99 -16.93
C SER A 112 -11.18 -2.86 -16.90
N THR A 113 -11.85 -3.32 -15.84
CA THR A 113 -13.33 -3.22 -15.72
C THR A 113 -13.74 -2.10 -14.75
N GLY A 114 -12.79 -1.38 -14.13
CA GLY A 114 -13.11 -0.26 -13.23
C GLY A 114 -12.53 1.05 -13.73
N THR A 115 -11.51 1.56 -13.02
CA THR A 115 -10.79 2.81 -13.38
C THR A 115 -10.38 2.80 -14.85
N PHE A 116 -9.98 1.64 -15.38
CA PHE A 116 -9.38 1.53 -16.74
C PHE A 116 -10.42 1.17 -17.80
N SER A 117 -11.71 1.12 -17.46
CA SER A 117 -12.79 0.62 -18.34
C SER A 117 -13.14 1.64 -19.44
N GLY A 118 -12.64 2.88 -19.37
CA GLY A 118 -13.04 3.95 -20.31
C GLY A 118 -14.54 4.21 -20.26
N GLY A 119 -15.14 4.04 -19.09
CA GLY A 119 -16.57 4.29 -18.83
C GLY A 119 -17.48 3.22 -19.42
N LYS A 120 -16.96 2.10 -19.91
CA LYS A 120 -17.77 1.06 -20.57
C LYS A 120 -17.84 -0.20 -19.71
N ASP A 121 -18.90 -0.98 -19.87
CA ASP A 121 -19.08 -2.32 -19.24
C ASP A 121 -18.20 -3.32 -19.99
N ARG A 122 -17.13 -3.81 -19.36
CA ARG A 122 -16.13 -4.72 -20.01
C ARG A 122 -16.03 -6.03 -19.23
N VAL A 123 -17.06 -6.39 -18.47
CA VAL A 123 -17.04 -7.60 -17.60
C VAL A 123 -16.81 -8.84 -18.47
N MET A 124 -17.59 -9.01 -19.53
CA MET A 124 -17.50 -10.22 -20.40
C MET A 124 -16.21 -10.18 -21.23
N GLN A 125 -15.81 -9.01 -21.73
CA GLN A 125 -14.54 -8.85 -22.49
C GLN A 125 -13.38 -9.33 -21.59
N SER A 126 -13.29 -8.79 -20.38
CA SER A 126 -12.20 -9.08 -19.40
C SER A 126 -12.27 -10.55 -18.95
N LEU A 127 -13.46 -11.04 -18.63
CA LEU A 127 -13.64 -12.45 -18.16
C LEU A 127 -13.21 -13.43 -19.26
N ASN A 128 -13.56 -13.16 -20.52
CA ASN A 128 -13.28 -14.08 -21.65
C ASN A 128 -11.76 -14.19 -21.82
N HIS A 129 -11.02 -13.08 -21.67
CA HIS A 129 -9.53 -13.09 -21.74
C HIS A 129 -8.95 -13.81 -20.53
N LEU A 130 -9.58 -13.66 -19.35
CA LEU A 130 -9.17 -14.37 -18.11
C LEU A 130 -9.26 -15.88 -18.37
N PHE A 131 -10.39 -16.36 -18.86
CA PHE A 131 -10.61 -17.81 -19.16
C PHE A 131 -9.55 -18.30 -20.15
N THR A 132 -9.40 -17.61 -21.28
CA THR A 132 -8.50 -18.03 -22.39
C THR A 132 -7.08 -18.18 -21.84
N ALA A 133 -6.60 -17.21 -21.07
CA ALA A 133 -5.22 -17.19 -20.54
C ALA A 133 -5.04 -18.27 -19.46
N LEU A 134 -5.93 -18.32 -18.45
CA LEU A 134 -5.75 -19.20 -17.26
C LEU A 134 -6.08 -20.66 -17.62
N ASP A 135 -6.75 -20.90 -18.74
CA ASP A 135 -6.96 -22.27 -19.28
C ASP A 135 -5.61 -22.94 -19.56
N ALA A 136 -4.53 -22.18 -19.73
CA ALA A 136 -3.16 -22.70 -19.97
C ALA A 136 -2.52 -23.19 -18.67
N THR A 137 -3.16 -22.98 -17.51
CA THR A 137 -2.66 -23.38 -16.17
C THR A 137 -3.50 -24.55 -15.64
N ASP A 138 -3.05 -25.16 -14.55
CA ASP A 138 -3.83 -26.18 -13.80
C ASP A 138 -4.20 -25.60 -12.43
N ALA A 139 -4.22 -24.26 -12.30
CA ALA A 139 -4.50 -23.57 -11.02
C ALA A 139 -6.01 -23.59 -10.75
N ASP A 140 -6.37 -23.58 -9.46
CA ASP A 140 -7.73 -23.26 -8.98
C ASP A 140 -7.87 -21.75 -8.94
N VAL A 141 -8.70 -21.21 -9.83
CA VAL A 141 -8.88 -19.74 -9.99
C VAL A 141 -10.15 -19.35 -9.27
N VAL A 142 -10.06 -18.32 -8.43
CA VAL A 142 -11.24 -17.71 -7.77
C VAL A 142 -11.32 -16.26 -8.26
N ILE A 143 -12.39 -15.96 -8.99
CA ILE A 143 -12.65 -14.60 -9.54
C ILE A 143 -13.38 -13.79 -8.47
N TYR A 144 -12.87 -12.61 -8.16
CA TYR A 144 -13.44 -11.70 -7.13
C TYR A 144 -14.10 -10.50 -7.82
N CYS A 145 -15.32 -10.19 -7.36
CA CYS A 145 -16.08 -8.98 -7.77
C CYS A 145 -16.80 -8.43 -6.54
N ARG A 146 -17.44 -7.27 -6.69
CA ARG A 146 -18.20 -6.59 -5.60
C ARG A 146 -19.66 -6.41 -6.01
N ASP A 147 -19.98 -6.58 -7.29
CA ASP A 147 -21.32 -6.29 -7.86
C ASP A 147 -22.10 -7.60 -7.95
N LYS A 148 -23.30 -7.65 -7.36
CA LYS A 148 -24.19 -8.85 -7.33
C LYS A 148 -24.57 -9.27 -8.76
N ASN A 149 -24.80 -8.29 -9.64
CA ASN A 149 -25.13 -8.50 -11.07
C ASN A 149 -23.95 -9.19 -11.75
N TRP A 150 -22.73 -8.65 -11.57
CA TRP A 150 -21.47 -9.20 -12.13
C TRP A 150 -21.31 -10.66 -11.65
N GLU A 151 -21.51 -10.90 -10.35
CA GLU A 151 -21.33 -12.23 -9.71
C GLU A 151 -22.16 -13.26 -10.49
N LYS A 152 -23.40 -12.90 -10.81
CA LYS A 152 -24.35 -13.80 -11.50
C LYS A 152 -23.90 -14.04 -12.94
N LYS A 153 -23.53 -12.99 -13.67
CA LYS A 153 -23.07 -13.10 -15.08
C LYS A 153 -21.79 -13.95 -15.12
N ILE A 154 -20.88 -13.74 -14.16
CA ILE A 154 -19.60 -14.52 -14.09
C ILE A 154 -19.97 -15.98 -13.84
N GLN A 155 -20.86 -16.24 -12.88
CA GLN A 155 -21.28 -17.63 -12.53
C GLN A 155 -21.93 -18.26 -13.77
N GLU A 156 -22.83 -17.54 -14.44
CA GLU A 156 -23.49 -17.98 -15.70
C GLU A 156 -22.42 -18.40 -16.70
N ALA A 157 -21.37 -17.58 -16.89
CA ALA A 157 -20.28 -17.82 -17.88
C ALA A 157 -19.50 -19.07 -17.50
N ILE A 158 -19.14 -19.21 -16.22
CA ILE A 158 -18.42 -20.40 -15.67
C ILE A 158 -19.25 -21.66 -15.98
N ASP A 159 -20.57 -21.61 -15.74
CA ASP A 159 -21.49 -22.75 -15.89
C ASP A 159 -21.58 -23.19 -17.35
N ARG A 160 -21.66 -22.22 -18.28
CA ARG A 160 -21.78 -22.47 -19.74
C ARG A 160 -20.61 -23.35 -20.19
N ARG A 161 -19.43 -23.15 -19.60
CA ARG A 161 -18.23 -24.00 -19.82
C ARG A 161 -18.50 -25.39 -19.21
N LYS B 2 0.49 19.55 -6.32
CA LYS B 2 -0.28 18.35 -5.82
C LYS B 2 0.68 17.33 -5.19
N ALA B 3 1.85 17.10 -5.81
CA ALA B 3 2.87 16.15 -5.32
C ALA B 3 3.59 16.75 -4.11
N PRO B 4 3.91 15.92 -3.08
CA PRO B 4 4.63 16.40 -1.90
C PRO B 4 6.12 16.57 -2.22
N SER B 5 6.87 17.17 -1.32
CA SER B 5 8.35 17.24 -1.36
C SER B 5 8.90 16.56 -0.11
N TYR B 6 10.05 15.91 -0.25
CA TYR B 6 10.73 15.15 0.83
C TYR B 6 12.16 15.68 1.01
N ARG B 7 12.52 15.99 2.25
CA ARG B 7 13.88 16.33 2.69
C ARG B 7 14.20 15.44 3.90
N VAL B 8 15.48 15.25 4.21
CA VAL B 8 15.90 14.54 5.45
C VAL B 8 16.86 15.45 6.21
N ARG B 9 16.70 15.49 7.53
CA ARG B 9 17.62 16.20 8.46
C ARG B 9 18.07 15.21 9.52
N ARG B 10 19.37 15.19 9.80
CA ARG B 10 19.91 14.45 10.96
C ARG B 10 20.02 15.43 12.12
N ALA B 11 18.97 15.53 12.94
CA ALA B 11 18.84 16.53 14.01
C ALA B 11 17.73 16.09 14.97
N ASP B 12 17.72 16.70 16.15
CA ASP B 12 16.62 16.58 17.13
C ASP B 12 15.34 17.13 16.48
N ILE B 13 14.30 16.30 16.37
CA ILE B 13 13.02 16.66 15.73
C ILE B 13 12.35 17.81 16.50
N SER B 14 12.65 18.00 17.79
CA SER B 14 12.04 19.09 18.60
C SER B 14 12.48 20.46 18.07
N GLY B 15 13.55 20.52 17.26
CA GLY B 15 14.05 21.77 16.65
C GLY B 15 13.47 22.05 15.26
N HIS B 16 12.45 21.31 14.81
CA HIS B 16 11.92 21.39 13.43
C HIS B 16 11.32 22.78 13.14
N GLY B 17 11.30 23.19 11.87
CA GLY B 17 10.73 24.47 11.41
C GLY B 17 9.43 24.30 10.64
N GLU B 18 8.72 23.19 10.81
CA GLU B 18 7.50 22.84 10.04
C GLU B 18 6.25 23.23 10.83
N GLU B 19 5.08 23.15 10.19
CA GLU B 19 3.77 23.49 10.78
C GLU B 19 3.36 22.44 11.81
N ALA B 20 3.75 21.18 11.60
CA ALA B 20 3.33 20.05 12.46
C ALA B 20 4.50 19.08 12.67
N VAL B 21 4.42 18.31 13.75
CA VAL B 21 5.43 17.26 14.05
C VAL B 21 4.69 15.96 14.36
N VAL B 22 5.23 14.86 13.84
CA VAL B 22 4.75 13.49 14.18
C VAL B 22 5.57 12.98 15.36
N ASN B 23 4.88 12.63 16.45
CA ASN B 23 5.45 11.91 17.60
C ASN B 23 5.38 10.41 17.29
N ALA B 24 6.49 9.70 17.44
CA ALA B 24 6.52 8.22 17.44
C ALA B 24 5.99 7.77 18.80
N ALA B 25 4.68 7.64 18.92
CA ALA B 25 3.96 7.52 20.20
C ALA B 25 3.78 6.06 20.60
N ASN B 26 3.39 5.86 21.86
CA ASN B 26 2.86 4.55 22.34
C ASN B 26 1.35 4.69 22.54
N ALA B 27 0.65 3.57 22.57
CA ALA B 27 -0.82 3.52 22.62
C ALA B 27 -1.34 4.17 23.91
N LYS B 28 -0.56 4.14 24.99
CA LYS B 28 -0.97 4.66 26.32
C LYS B 28 -0.84 6.19 26.37
N GLY B 29 -0.11 6.80 25.42
CA GLY B 29 0.14 8.25 25.40
C GLY B 29 1.06 8.70 26.52
N THR B 30 1.94 7.82 27.00
CA THR B 30 2.93 8.11 28.07
C THR B 30 4.19 8.68 27.42
N VAL B 31 5.00 9.40 28.19
CA VAL B 31 6.36 9.87 27.77
C VAL B 31 7.38 8.78 28.11
N SER B 32 8.18 8.38 27.14
CA SER B 32 9.31 7.43 27.36
C SER B 32 10.42 7.74 26.35
N ASP B 33 11.53 7.02 26.43
CA ASP B 33 12.77 7.27 25.65
C ASP B 33 12.43 7.33 24.16
N GLY B 34 13.19 8.14 23.43
CA GLY B 34 13.10 8.30 21.97
C GLY B 34 12.49 9.64 21.60
N VAL B 35 11.79 9.68 20.47
CA VAL B 35 11.18 10.91 19.89
C VAL B 35 10.27 11.55 20.95
N CYS B 36 9.48 10.71 21.61
CA CYS B 36 8.41 11.08 22.55
CA CYS B 36 8.37 11.19 22.47
C CYS B 36 8.95 12.00 23.65
N ARG B 37 10.15 11.67 24.15
CA ARG B 37 10.80 12.44 25.24
C ARG B 37 11.04 13.88 24.75
N ALA B 38 11.63 14.04 23.56
CA ALA B 38 11.94 15.36 22.96
C ALA B 38 10.65 16.15 22.74
N VAL B 39 9.59 15.50 22.24
CA VAL B 39 8.28 16.15 21.97
C VAL B 39 7.70 16.67 23.29
N ALA B 40 7.72 15.83 24.34
CA ALA B 40 7.13 16.13 25.66
C ALA B 40 7.85 17.31 26.31
N LYS B 41 9.17 17.42 26.11
CA LYS B 41 9.99 18.47 26.76
C LYS B 41 9.71 19.82 26.09
N LYS B 42 9.55 19.82 24.76
CA LYS B 42 9.40 21.05 23.94
C LYS B 42 7.95 21.54 24.00
N TRP B 43 6.97 20.62 23.98
CA TRP B 43 5.52 20.96 24.02
C TRP B 43 4.84 20.12 25.10
N PRO B 44 5.08 20.45 26.40
CA PRO B 44 4.60 19.64 27.52
C PRO B 44 3.08 19.38 27.55
N SER B 45 2.26 20.31 27.06
CA SER B 45 0.78 20.20 27.05
C SER B 45 0.29 19.25 25.95
N SER B 46 1.16 18.84 25.03
CA SER B 46 0.74 18.12 23.78
C SER B 46 0.34 16.67 24.08
N PHE B 47 0.52 16.15 25.31
CA PHE B 47 0.22 14.73 25.62
C PHE B 47 -1.16 14.55 26.25
N LYS B 48 -1.87 15.64 26.58
CA LYS B 48 -3.23 15.54 27.17
C LYS B 48 -4.16 14.79 26.21
N GLY B 49 -4.67 13.62 26.62
CA GLY B 49 -5.66 12.80 25.86
C GLY B 49 -5.09 12.20 24.58
N ALA B 50 -3.77 12.03 24.49
CA ALA B 50 -3.05 11.56 23.28
C ALA B 50 -3.17 10.05 23.08
N ALA B 51 -3.62 9.28 24.08
CA ALA B 51 -3.72 7.80 23.98
C ALA B 51 -4.52 7.44 22.73
N THR B 52 -4.01 6.50 21.92
CA THR B 52 -4.63 6.07 20.65
C THR B 52 -4.11 4.67 20.32
N PRO B 53 -4.92 3.78 19.71
CA PRO B 53 -4.46 2.41 19.46
C PRO B 53 -3.35 2.33 18.43
N VAL B 54 -2.59 1.23 18.48
CA VAL B 54 -1.55 0.90 17.47
C VAL B 54 -2.18 1.01 16.07
N GLY B 55 -1.43 1.58 15.12
CA GLY B 55 -1.86 1.71 13.72
C GLY B 55 -2.76 2.92 13.50
N THR B 56 -2.90 3.79 14.49
CA THR B 56 -3.71 5.04 14.39
C THR B 56 -2.86 6.25 14.77
N ALA B 57 -3.40 7.44 14.53
CA ALA B 57 -2.74 8.71 14.88
C ALA B 57 -3.78 9.68 15.44
N LYS B 58 -3.34 10.52 16.37
CA LYS B 58 -4.23 11.45 17.09
C LYS B 58 -3.55 12.80 17.16
N MET B 59 -4.22 13.83 16.64
CA MET B 59 -3.63 15.20 16.53
C MET B 59 -4.14 16.10 17.66
N ILE B 60 -3.28 17.01 18.10
CA ILE B 60 -3.58 18.05 19.11
C ILE B 60 -2.86 19.33 18.67
N ARG B 61 -3.47 20.48 18.95
CA ARG B 61 -2.81 21.80 18.94
C ARG B 61 -2.53 22.16 20.40
N ALA B 62 -1.26 22.35 20.75
CA ALA B 62 -0.82 22.71 22.11
C ALA B 62 0.52 23.44 22.03
N ASP B 63 0.74 24.43 22.91
CA ASP B 63 2.05 25.10 23.04
C ASP B 63 2.47 25.70 21.68
N GLY B 64 1.49 26.18 20.89
CA GLY B 64 1.73 26.81 19.57
C GLY B 64 2.20 25.82 18.51
N MET B 65 1.95 24.52 18.69
CA MET B 65 2.42 23.48 17.75
C MET B 65 1.27 22.51 17.46
N THR B 66 1.30 21.92 16.28
CA THR B 66 0.42 20.80 15.88
C THR B 66 1.22 19.52 16.08
N VAL B 67 0.80 18.67 17.02
CA VAL B 67 1.50 17.39 17.31
C VAL B 67 0.59 16.25 16.88
N ILE B 68 1.12 15.35 16.05
CA ILE B 68 0.38 14.16 15.56
C ILE B 68 0.98 12.93 16.23
N HIS B 69 0.28 12.34 17.20
CA HIS B 69 0.74 11.13 17.94
C HIS B 69 0.43 9.90 17.09
N ALA B 70 1.43 9.34 16.42
CA ALA B 70 1.28 8.16 15.53
C ALA B 70 1.88 6.94 16.23
N VAL B 71 1.08 5.88 16.41
CA VAL B 71 1.53 4.67 17.15
C VAL B 71 1.88 3.57 16.14
N GLY B 72 3.17 3.41 15.88
CA GLY B 72 3.69 2.26 15.12
C GLY B 72 3.57 1.00 15.94
N PRO B 73 3.56 -0.19 15.30
CA PRO B 73 3.57 -1.46 16.01
C PRO B 73 4.92 -1.69 16.70
N ASN B 74 4.86 -2.41 17.82
CA ASN B 74 6.06 -3.01 18.48
C ASN B 74 6.30 -4.38 17.85
N PHE B 75 7.36 -4.52 17.06
CA PHE B 75 7.61 -5.75 16.25
C PHE B 75 7.98 -6.95 17.14
N SER B 76 8.15 -6.76 18.45
CA SER B 76 8.29 -7.88 19.43
C SER B 76 6.92 -8.50 19.72
N THR B 77 5.83 -7.84 19.36
CA THR B 77 4.47 -8.21 19.81
C THR B 77 3.56 -8.60 18.64
N VAL B 78 4.08 -8.58 17.41
CA VAL B 78 3.27 -8.91 16.20
C VAL B 78 4.12 -9.76 15.27
N THR B 79 3.47 -10.55 14.42
CA THR B 79 4.17 -11.21 13.29
C THR B 79 4.68 -10.11 12.35
N GLU B 80 5.68 -10.43 11.53
CA GLU B 80 6.27 -9.48 10.56
C GLU B 80 5.16 -8.90 9.67
N ALA B 81 4.29 -9.74 9.10
CA ALA B 81 3.23 -9.28 8.16
C ALA B 81 2.22 -8.40 8.92
N GLU B 82 1.88 -8.76 10.15
CA GLU B 82 0.91 -7.98 10.96
C GLU B 82 1.53 -6.61 11.28
N GLY B 83 2.78 -6.59 11.76
CA GLY B 83 3.51 -5.35 12.02
C GLY B 83 3.56 -4.48 10.77
N ASP B 84 3.84 -5.08 9.62
CA ASP B 84 3.97 -4.34 8.35
C ASP B 84 2.64 -3.63 8.04
N ARG B 85 1.50 -4.32 8.20
CA ARG B 85 0.15 -3.74 7.97
C ARG B 85 -0.09 -2.56 8.91
N GLU B 86 0.24 -2.73 10.18
CA GLU B 86 -0.05 -1.73 11.23
C GLU B 86 0.85 -0.51 11.03
N LEU B 87 2.09 -0.71 10.62
CA LEU B 87 3.06 0.39 10.38
C LEU B 87 2.58 1.23 9.19
N ALA B 88 2.19 0.58 8.09
CA ALA B 88 1.63 1.27 6.91
C ALA B 88 0.37 2.03 7.33
N ALA B 89 -0.47 1.45 8.18
CA ALA B 89 -1.75 2.06 8.65
C ALA B 89 -1.46 3.32 9.48
N ALA B 90 -0.44 3.30 10.35
CA ALA B 90 -0.08 4.47 11.19
C ALA B 90 0.29 5.63 10.26
N TYR B 91 1.06 5.37 9.20
CA TYR B 91 1.50 6.43 8.27
C TYR B 91 0.31 6.95 7.46
N ARG B 92 -0.60 6.07 7.04
CA ARG B 92 -1.84 6.51 6.34
C ARG B 92 -2.65 7.40 7.26
N ALA B 93 -2.73 7.07 8.55
CA ALA B 93 -3.50 7.87 9.54
C ALA B 93 -2.86 9.26 9.65
N VAL B 94 -1.54 9.31 9.63
CA VAL B 94 -0.79 10.61 9.63
C VAL B 94 -1.15 11.40 8.37
N ALA B 95 -1.07 10.78 7.19
CA ALA B 95 -1.31 11.45 5.89
C ALA B 95 -2.74 11.99 5.86
N SER B 96 -3.71 11.24 6.37
CA SER B 96 -5.12 11.67 6.44
C SER B 96 -5.25 12.93 7.30
N ILE B 97 -4.55 12.99 8.44
CA ILE B 97 -4.62 14.17 9.34
C ILE B 97 -4.01 15.37 8.61
N ILE B 98 -2.92 15.17 7.87
CA ILE B 98 -2.22 16.23 7.10
C ILE B 98 -3.19 16.82 6.06
N SER B 99 -3.84 15.97 5.26
CA SER B 99 -4.68 16.43 4.12
CA SER B 99 -4.67 16.44 4.12
C SER B 99 -5.97 17.08 4.64
N THR B 100 -6.62 16.47 5.64
CA THR B 100 -7.96 16.93 6.11
C THR B 100 -7.82 18.23 6.90
N ASN B 101 -6.65 18.51 7.48
CA ASN B 101 -6.43 19.73 8.31
C ASN B 101 -5.63 20.76 7.52
N ASN B 102 -5.37 20.54 6.23
CA ASN B 102 -4.73 21.56 5.36
C ASN B 102 -3.35 21.90 5.93
N ILE B 103 -2.64 20.89 6.45
CA ILE B 103 -1.29 21.10 7.05
C ILE B 103 -0.28 21.15 5.91
N LYS B 104 0.50 22.22 5.83
CA LYS B 104 1.35 22.55 4.65
C LYS B 104 2.72 21.87 4.73
N SER B 105 3.23 21.61 5.94
CA SER B 105 4.57 21.01 6.15
C SER B 105 4.58 20.22 7.46
N VAL B 106 5.38 19.15 7.50
CA VAL B 106 5.40 18.24 8.68
C VAL B 106 6.79 17.63 8.86
N ALA B 107 7.26 17.60 10.10
CA ALA B 107 8.48 16.91 10.57
C ALA B 107 8.08 15.49 11.00
N VAL B 108 8.73 14.47 10.43
CA VAL B 108 8.33 13.04 10.60
C VAL B 108 9.55 12.20 10.96
N PRO B 109 9.51 11.45 12.09
CA PRO B 109 10.51 10.44 12.41
C PRO B 109 10.13 9.11 11.76
N LEU B 110 11.03 8.14 11.72
CA LEU B 110 10.72 6.80 11.17
C LEU B 110 10.12 5.95 12.28
N LEU B 111 8.80 5.77 12.23
CA LEU B 111 8.04 4.98 13.22
C LEU B 111 8.60 3.56 13.26
N SER B 112 8.63 2.98 14.46
CA SER B 112 8.93 1.55 14.73
C SER B 112 10.37 1.20 14.35
N THR B 113 11.28 2.18 14.27
CA THR B 113 12.71 1.94 13.94
C THR B 113 13.61 2.02 15.18
N GLY B 114 13.06 2.33 16.35
CA GLY B 114 13.83 2.38 17.61
C GLY B 114 13.31 1.36 18.61
N THR B 115 12.69 1.85 19.68
CA THR B 115 12.12 1.02 20.78
C THR B 115 11.25 -0.10 20.20
N PHE B 116 10.51 0.17 19.13
CA PHE B 116 9.48 -0.76 18.59
C PHE B 116 10.04 -1.62 17.44
N SER B 117 11.34 -1.55 17.15
CA SER B 117 11.97 -2.22 15.99
C SER B 117 12.11 -3.74 16.19
N GLY B 118 11.86 -4.26 17.40
CA GLY B 118 12.11 -5.68 17.72
C GLY B 118 13.56 -6.07 17.48
N GLY B 119 14.49 -5.13 17.66
CA GLY B 119 15.94 -5.33 17.54
C GLY B 119 16.41 -5.44 16.08
N LYS B 120 15.56 -5.13 15.10
CA LYS B 120 15.91 -5.28 13.66
C LYS B 120 16.04 -3.90 13.00
N ASP B 121 16.79 -3.84 11.90
CA ASP B 121 16.97 -2.61 11.07
C ASP B 121 15.72 -2.45 10.19
N ARG B 122 14.89 -1.44 10.46
CA ARG B 122 13.60 -1.25 9.73
C ARG B 122 13.56 0.11 9.05
N VAL B 123 14.71 0.72 8.79
CA VAL B 123 14.80 2.10 8.21
C VAL B 123 14.09 2.13 6.86
N MET B 124 14.44 1.22 5.95
CA MET B 124 13.90 1.22 4.57
C MET B 124 12.43 0.78 4.60
N GLN B 125 12.08 -0.20 5.44
CA GLN B 125 10.66 -0.66 5.59
C GLN B 125 9.80 0.54 6.03
N SER B 126 10.20 1.24 7.08
CA SER B 126 9.45 2.39 7.67
C SER B 126 9.43 3.55 6.67
N LEU B 127 10.56 3.88 6.04
CA LEU B 127 10.64 4.97 5.04
C LEU B 127 9.70 4.70 3.87
N ASN B 128 9.66 3.45 3.38
CA ASN B 128 8.84 3.07 2.19
C ASN B 128 7.36 3.33 2.52
N HIS B 129 6.90 3.01 3.74
CA HIS B 129 5.50 3.23 4.15
C HIS B 129 5.25 4.72 4.36
N LEU B 130 6.26 5.46 4.82
CA LEU B 130 6.19 6.95 4.96
C LEU B 130 5.92 7.56 3.58
N PHE B 131 6.73 7.19 2.59
CA PHE B 131 6.58 7.67 1.19
C PHE B 131 5.17 7.34 0.66
N THR B 132 4.77 6.07 0.75
CA THR B 132 3.49 5.58 0.17
C THR B 132 2.33 6.39 0.75
N ALA B 133 2.32 6.61 2.06
CA ALA B 133 1.22 7.33 2.76
C ALA B 133 1.24 8.82 2.38
N LEU B 134 2.39 9.49 2.51
CA LEU B 134 2.47 10.96 2.38
C LEU B 134 2.45 11.38 0.91
N ASP B 135 2.67 10.44 -0.02
CA ASP B 135 2.47 10.69 -1.48
C ASP B 135 1.01 11.09 -1.75
N ALA B 136 0.06 10.76 -0.86
CA ALA B 136 -1.36 11.14 -0.97
C ALA B 136 -1.61 12.59 -0.54
N THR B 137 -0.58 13.29 -0.05
CA THR B 137 -0.66 14.71 0.41
C THR B 137 0.14 15.58 -0.57
N ASP B 138 0.00 16.91 -0.44
CA ASP B 138 0.84 17.89 -1.17
C ASP B 138 1.72 18.62 -0.15
N ALA B 139 1.97 18.01 1.02
CA ALA B 139 2.73 18.62 2.13
C ALA B 139 4.24 18.57 1.81
N ASP B 140 4.96 19.56 2.34
CA ASP B 140 6.44 19.56 2.38
C ASP B 140 6.87 18.76 3.62
N VAL B 141 7.44 17.58 3.38
CA VAL B 141 7.77 16.60 4.45
C VAL B 141 9.26 16.71 4.74
N VAL B 142 9.61 16.83 6.02
CA VAL B 142 11.01 16.76 6.49
C VAL B 142 11.14 15.54 7.40
N ILE B 143 11.91 14.56 6.95
CA ILE B 143 12.20 13.31 7.69
C ILE B 143 13.37 13.58 8.63
N TYR B 144 13.21 13.27 9.92
CA TYR B 144 14.24 13.45 10.97
C TYR B 144 14.79 12.09 11.40
N CYS B 145 16.11 12.01 11.54
CA CYS B 145 16.83 10.83 12.06
C CYS B 145 18.02 11.30 12.92
N ARG B 146 18.70 10.36 13.55
CA ARG B 146 19.85 10.65 14.46
C ARG B 146 21.12 9.95 13.96
N ASP B 147 20.99 9.03 13.00
CA ASP B 147 22.12 8.20 12.48
C ASP B 147 22.52 8.76 11.12
N LYS B 148 23.79 9.14 10.94
CA LYS B 148 24.26 9.74 9.66
C LYS B 148 24.26 8.69 8.54
N ASN B 149 24.45 7.41 8.86
CA ASN B 149 24.31 6.29 7.89
C ASN B 149 22.86 6.25 7.36
N TRP B 150 21.89 6.30 8.26
CA TRP B 150 20.44 6.32 7.92
C TRP B 150 20.14 7.56 7.06
N GLU B 151 20.65 8.72 7.45
CA GLU B 151 20.46 10.02 6.73
C GLU B 151 20.85 9.84 5.26
N LYS B 152 21.96 9.15 5.01
CA LYS B 152 22.52 8.88 3.65
C LYS B 152 21.58 7.97 2.86
N LYS B 153 21.16 6.86 3.47
CA LYS B 153 20.24 5.86 2.84
C LYS B 153 18.91 6.57 2.53
N ILE B 154 18.40 7.39 3.45
CA ILE B 154 17.12 8.14 3.28
C ILE B 154 17.31 9.10 2.10
N GLN B 155 18.40 9.85 2.08
CA GLN B 155 18.68 10.84 1.00
C GLN B 155 18.75 10.10 -0.34
N GLU B 156 19.48 8.98 -0.39
CA GLU B 156 19.60 8.12 -1.59
C GLU B 156 18.19 7.75 -2.08
N ALA B 157 17.32 7.29 -1.17
CA ALA B 157 15.94 6.83 -1.48
C ALA B 157 15.11 7.98 -2.04
N ILE B 158 15.17 9.17 -1.41
CA ILE B 158 14.46 10.40 -1.86
C ILE B 158 14.87 10.69 -3.31
N ASP B 159 16.17 10.65 -3.59
CA ASP B 159 16.76 11.02 -4.91
C ASP B 159 16.29 10.04 -5.99
N ARG B 160 16.26 8.75 -5.69
CA ARG B 160 15.87 7.65 -6.62
C ARG B 160 14.45 7.93 -7.16
N ARG B 161 13.50 8.29 -6.30
CA ARG B 161 12.04 8.34 -6.64
C ARG B 161 11.64 9.71 -7.19
N THR B 162 12.55 10.70 -7.21
CA THR B 162 12.28 12.05 -7.77
C THR B 162 12.38 12.00 -9.29
#